data_6B2C
#
_entry.id   6B2C
#
_cell.length_a   97.425
_cell.length_b   97.425
_cell.length_c   105.624
_cell.angle_alpha   90.00
_cell.angle_beta   90.00
_cell.angle_gamma   120.00
#
_symmetry.space_group_name_H-M   'P 31 2 1'
#
loop_
_entity.id
_entity.type
_entity.pdbx_description
1 polymer 'Macrophage migration inhibitory factor'
2 non-polymer 'SULFATE ION'
3 non-polymer '{2-[1-(3-fluoro-4-hydroxyphenyl)-1H-1,2,3-triazol-4-yl]-8-oxo-1,7-naphthyridin-7(8H)-yl}acetic acid'
4 water water
#
_entity_poly.entity_id   1
_entity_poly.type   'polypeptide(L)'
_entity_poly.pdbx_seq_one_letter_code
;PMFIVNTNVPRASVPDGFLSELTQQLAQATGKPPQYIAVHVVPDQLMAFGGSSEPCALCSLHSIGKIGGAQNRSYSKLLC
GLLAERLRISPDRVYINYYDMNAANVGWNNSTFA
;
_entity_poly.pdbx_strand_id   A,B,C
#
# COMPACT_ATOMS: atom_id res chain seq x y z
N PRO A 1 -2.19 -15.62 -2.90
CA PRO A 1 -2.97 -14.44 -2.51
C PRO A 1 -2.32 -13.66 -1.36
N MET A 2 -2.64 -12.37 -1.26
CA MET A 2 -2.00 -11.47 -0.30
C MET A 2 -3.07 -10.59 0.34
N PHE A 3 -3.15 -10.58 1.67
CA PHE A 3 -4.16 -9.82 2.38
C PHE A 3 -3.48 -8.94 3.42
N ILE A 4 -3.78 -7.64 3.38
CA ILE A 4 -3.18 -6.63 4.26
C ILE A 4 -4.29 -5.89 5.00
N VAL A 5 -4.14 -5.70 6.31
CA VAL A 5 -5.05 -4.91 7.15
C VAL A 5 -4.29 -3.78 7.83
N ASN A 6 -4.68 -2.54 7.54
N ASN A 6 -4.67 -2.54 7.55
CA ASN A 6 -4.21 -1.38 8.28
CA ASN A 6 -4.17 -1.40 8.31
C ASN A 6 -5.32 -0.93 9.22
C ASN A 6 -5.29 -0.88 9.21
N THR A 7 -4.99 -0.71 10.50
CA THR A 7 -6.01 -0.35 11.48
C THR A 7 -5.42 0.52 12.59
N ASN A 8 -6.30 1.33 13.20
CA ASN A 8 -5.94 2.14 14.36
C ASN A 8 -6.11 1.38 15.68
N VAL A 9 -6.58 0.14 15.64
CA VAL A 9 -6.66 -0.69 16.84
C VAL A 9 -5.25 -0.95 17.37
N PRO A 10 -5.00 -0.82 18.67
CA PRO A 10 -3.63 -0.98 19.19
C PRO A 10 -3.13 -2.42 19.10
N ARG A 11 -1.80 -2.55 19.14
CA ARG A 11 -1.14 -3.84 18.93
C ARG A 11 -1.60 -4.90 19.94
N ALA A 12 -1.76 -4.50 21.21
CA ALA A 12 -2.14 -5.46 22.25
C ALA A 12 -3.55 -6.01 22.07
N SER A 13 -4.37 -5.39 21.24
CA SER A 13 -5.72 -5.88 20.96
C SER A 13 -5.80 -6.75 19.72
N VAL A 14 -4.69 -7.02 19.04
CA VAL A 14 -4.64 -8.00 17.96
C VAL A 14 -4.31 -9.35 18.57
N PRO A 15 -5.24 -10.32 18.56
CA PRO A 15 -4.93 -11.65 19.16
C PRO A 15 -3.74 -12.32 18.47
N ASP A 16 -3.05 -13.18 19.24
CA ASP A 16 -1.82 -13.81 18.75
C ASP A 16 -2.08 -14.75 17.57
N GLY A 17 -3.25 -15.38 17.53
CA GLY A 17 -3.59 -16.28 16.44
C GLY A 17 -4.29 -15.65 15.25
N PHE A 18 -4.44 -14.32 15.22
CA PHE A 18 -5.22 -13.67 14.16
C PHE A 18 -4.63 -13.96 12.77
N LEU A 19 -3.30 -13.92 12.62
CA LEU A 19 -2.70 -14.14 11.30
C LEU A 19 -2.96 -15.56 10.79
N SER A 20 -2.81 -16.56 11.68
CA SER A 20 -3.09 -17.93 11.28
C SER A 20 -4.58 -18.13 11.00
N GLU A 21 -5.45 -17.52 11.80
CA GLU A 21 -6.89 -17.63 11.53
C GLU A 21 -7.24 -17.07 10.15
N LEU A 22 -6.72 -15.88 9.82
CA LEU A 22 -6.93 -15.30 8.49
C LEU A 22 -6.39 -16.20 7.40
N THR A 23 -5.21 -16.79 7.60
CA THR A 23 -4.60 -17.63 6.58
C THR A 23 -5.50 -18.82 6.24
N GLN A 24 -6.02 -19.49 7.27
CA GLN A 24 -6.86 -20.67 7.09
C GLN A 24 -8.20 -20.30 6.43
N GLN A 25 -8.83 -19.22 6.90
CA GLN A 25 -10.14 -18.85 6.35
C GLN A 25 -10.02 -18.39 4.90
N LEU A 26 -8.96 -17.64 4.57
CA LEU A 26 -8.76 -17.22 3.19
C LEU A 26 -8.41 -18.39 2.27
N ALA A 27 -7.72 -19.42 2.77
CA ALA A 27 -7.42 -20.58 1.94
C ALA A 27 -8.71 -21.29 1.55
N GLN A 28 -9.63 -21.45 2.50
CA GLN A 28 -10.93 -22.04 2.16
C GLN A 28 -11.73 -21.11 1.23
N ALA A 29 -11.74 -19.81 1.53
CA ALA A 29 -12.52 -18.88 0.72
C ALA A 29 -12.08 -18.87 -0.74
N THR A 30 -10.77 -18.91 -0.99
CA THR A 30 -10.23 -18.81 -2.35
C THR A 30 -10.01 -20.17 -3.02
N GLY A 31 -10.05 -21.26 -2.28
CA GLY A 31 -9.74 -22.57 -2.84
C GLY A 31 -8.27 -22.79 -3.18
N LYS A 32 -7.36 -22.02 -2.60
CA LYS A 32 -5.95 -22.23 -2.86
C LYS A 32 -5.27 -22.75 -1.58
N PRO A 33 -4.23 -23.56 -1.71
CA PRO A 33 -3.56 -24.12 -0.52
C PRO A 33 -3.12 -23.01 0.44
N PRO A 34 -3.15 -23.27 1.74
CA PRO A 34 -2.65 -22.27 2.70
C PRO A 34 -1.19 -21.88 2.51
N GLN A 35 -0.35 -22.77 1.94
CA GLN A 35 1.05 -22.42 1.69
C GLN A 35 1.18 -21.18 0.80
N TYR A 36 0.18 -20.89 -0.05
CA TYR A 36 0.28 -19.76 -0.99
C TYR A 36 -0.26 -18.45 -0.42
N ILE A 37 -0.82 -18.42 0.78
CA ILE A 37 -1.50 -17.25 1.34
C ILE A 37 -0.51 -16.46 2.20
N ALA A 38 -0.43 -15.16 1.97
CA ALA A 38 0.37 -14.26 2.82
C ALA A 38 -0.54 -13.23 3.47
N VAL A 39 -0.26 -12.89 4.73
CA VAL A 39 -1.11 -12.01 5.53
C VAL A 39 -0.23 -11.02 6.27
N HIS A 40 -0.75 -9.79 6.43
CA HIS A 40 0.02 -8.67 6.98
C HIS A 40 -0.95 -7.78 7.77
N VAL A 41 -0.69 -7.56 9.06
CA VAL A 41 -1.54 -6.73 9.93
C VAL A 41 -0.71 -5.58 10.52
N VAL A 42 -1.19 -4.35 10.35
CA VAL A 42 -0.46 -3.15 10.75
C VAL A 42 -1.32 -2.38 11.75
N PRO A 43 -1.04 -2.50 13.04
CA PRO A 43 -1.85 -1.80 14.05
C PRO A 43 -1.32 -0.41 14.39
N ASP A 44 -2.00 0.26 15.32
CA ASP A 44 -1.59 1.54 15.90
C ASP A 44 -1.50 2.65 14.86
N GLN A 45 -2.31 2.58 13.80
CA GLN A 45 -2.18 3.53 12.70
C GLN A 45 -2.95 4.82 12.96
N LEU A 46 -2.40 5.91 12.47
CA LEU A 46 -3.06 7.22 12.52
C LEU A 46 -4.00 7.32 11.31
N MET A 47 -5.29 7.08 11.55
CA MET A 47 -6.27 7.11 10.45
C MET A 47 -7.62 7.59 10.97
N ALA A 48 -8.47 8.01 10.03
CA ALA A 48 -9.86 8.33 10.33
C ALA A 48 -10.75 7.80 9.22
N PHE A 49 -12.02 7.55 9.57
CA PHE A 49 -13.01 7.05 8.64
C PHE A 49 -14.25 7.93 8.79
N GLY A 50 -14.64 8.59 7.70
CA GLY A 50 -15.73 9.56 7.81
C GLY A 50 -15.44 10.64 8.81
N GLY A 51 -14.17 11.04 8.94
CA GLY A 51 -13.79 12.07 9.88
C GLY A 51 -13.77 11.67 11.35
N SER A 52 -14.11 10.42 11.68
CA SER A 52 -14.11 9.96 13.06
C SER A 52 -12.92 9.03 13.30
N SER A 53 -12.41 9.04 14.53
CA SER A 53 -11.25 8.26 14.91
C SER A 53 -11.60 6.99 15.68
N GLU A 54 -12.89 6.60 15.71
CA GLU A 54 -13.27 5.30 16.24
C GLU A 54 -12.59 4.19 15.45
N PRO A 55 -12.55 2.96 16.00
CA PRO A 55 -11.81 1.88 15.33
C PRO A 55 -12.32 1.64 13.91
N CYS A 56 -11.37 1.42 13.00
CA CYS A 56 -11.67 1.24 11.59
C CYS A 56 -10.53 0.43 10.96
N ALA A 57 -10.74 0.00 9.71
CA ALA A 57 -9.72 -0.78 9.02
C ALA A 57 -9.75 -0.48 7.53
N LEU A 58 -8.56 -0.45 6.92
CA LEU A 58 -8.37 -0.26 5.48
C LEU A 58 -7.56 -1.43 4.96
N CYS A 59 -8.10 -2.19 4.02
CA CYS A 59 -7.56 -3.49 3.70
C CYS A 59 -7.41 -3.66 2.19
N SER A 60 -6.69 -4.71 1.80
CA SER A 60 -6.58 -5.06 0.39
C SER A 60 -6.36 -6.56 0.24
N LEU A 61 -6.93 -7.12 -0.82
CA LEU A 61 -6.76 -8.53 -1.17
C LEU A 61 -6.33 -8.62 -2.63
N HIS A 62 -5.11 -9.12 -2.87
CA HIS A 62 -4.59 -9.37 -4.21
C HIS A 62 -4.62 -10.86 -4.52
N SER A 63 -5.00 -11.23 -5.74
CA SER A 63 -4.97 -12.64 -6.11
C SER A 63 -4.93 -12.78 -7.63
N ILE A 64 -4.25 -13.83 -8.10
CA ILE A 64 -4.25 -14.21 -9.51
C ILE A 64 -5.51 -15.03 -9.74
N GLY A 65 -6.57 -14.39 -10.22
CA GLY A 65 -7.86 -15.05 -10.33
C GLY A 65 -8.60 -15.10 -9.01
N LYS A 66 -9.79 -15.72 -9.05
CA LYS A 66 -10.67 -15.83 -7.89
C LYS A 66 -11.15 -14.46 -7.38
N ILE A 67 -11.18 -13.46 -8.27
CA ILE A 67 -11.65 -12.10 -7.96
C ILE A 67 -12.80 -11.80 -8.91
N GLY A 68 -13.89 -11.24 -8.39
CA GLY A 68 -15.04 -10.93 -9.23
C GLY A 68 -16.21 -10.47 -8.40
N GLY A 69 -17.25 -9.99 -9.10
CA GLY A 69 -18.44 -9.43 -8.47
C GLY A 69 -19.05 -10.28 -7.37
N ALA A 70 -19.41 -11.52 -7.71
CA ALA A 70 -20.03 -12.40 -6.72
C ALA A 70 -19.03 -12.81 -5.65
N GLN A 71 -17.80 -13.14 -6.05
CA GLN A 71 -16.81 -13.59 -5.08
C GLN A 71 -16.46 -12.50 -4.09
N ASN A 72 -16.34 -11.25 -4.57
CA ASN A 72 -15.94 -10.15 -3.68
C ASN A 72 -17.03 -9.84 -2.66
N ARG A 73 -18.31 -9.96 -3.04
CA ARG A 73 -19.40 -9.81 -2.07
C ARG A 73 -19.31 -10.87 -0.97
N SER A 74 -18.88 -12.09 -1.31
CA SER A 74 -18.70 -13.12 -0.30
C SER A 74 -17.49 -12.85 0.59
N TYR A 75 -16.36 -12.44 0.00
CA TYR A 75 -15.17 -12.11 0.79
C TYR A 75 -15.46 -11.04 1.83
N SER A 76 -16.23 -10.02 1.45
CA SER A 76 -16.51 -8.90 2.34
C SER A 76 -17.26 -9.34 3.59
N LYS A 77 -18.18 -10.29 3.43
CA LYS A 77 -18.90 -10.85 4.58
C LYS A 77 -17.96 -11.65 5.49
N LEU A 78 -17.09 -12.46 4.89
CA LEU A 78 -16.12 -13.23 5.67
C LEU A 78 -15.17 -12.31 6.45
N LEU A 79 -14.63 -11.30 5.78
CA LEU A 79 -13.61 -10.45 6.40
C LEU A 79 -14.21 -9.47 7.41
N CYS A 80 -15.38 -8.90 7.10
CA CYS A 80 -16.06 -8.06 8.09
C CYS A 80 -16.38 -8.85 9.36
N GLY A 81 -16.79 -10.12 9.22
CA GLY A 81 -17.09 -10.92 10.40
C GLY A 81 -15.87 -11.18 11.26
N LEU A 82 -14.71 -11.44 10.62
CA LEU A 82 -13.46 -11.64 11.35
C LEU A 82 -12.98 -10.37 12.05
N LEU A 83 -13.07 -9.23 11.38
CA LEU A 83 -12.63 -7.97 11.98
C LEU A 83 -13.57 -7.52 13.10
N ALA A 84 -14.86 -7.80 12.95
CA ALA A 84 -15.81 -7.50 14.02
C ALA A 84 -15.54 -8.34 15.27
N GLU A 85 -15.40 -9.66 15.12
CA GLU A 85 -15.28 -10.51 16.31
C GLU A 85 -13.91 -10.38 16.96
N ARG A 86 -12.83 -10.38 16.16
CA ARG A 86 -11.48 -10.40 16.73
C ARG A 86 -10.91 -9.02 17.05
N LEU A 87 -11.21 -7.99 16.24
CA LEU A 87 -10.71 -6.65 16.49
C LEU A 87 -11.77 -5.68 17.00
N ARG A 88 -13.05 -6.10 17.05
CA ARG A 88 -14.16 -5.27 17.54
C ARG A 88 -14.37 -4.03 16.68
N ILE A 89 -14.18 -4.17 15.37
CA ILE A 89 -14.39 -3.08 14.42
C ILE A 89 -15.79 -3.20 13.81
N SER A 90 -16.54 -2.09 13.82
CA SER A 90 -17.86 -2.08 13.22
C SER A 90 -17.75 -2.28 11.71
N PRO A 91 -18.63 -3.08 11.09
CA PRO A 91 -18.43 -3.40 9.66
C PRO A 91 -18.68 -2.22 8.72
N ASP A 92 -19.42 -1.19 9.12
CA ASP A 92 -19.53 -0.02 8.26
C ASP A 92 -18.32 0.92 8.39
N ARG A 93 -17.27 0.49 9.10
CA ARG A 93 -16.01 1.22 9.16
C ARG A 93 -14.85 0.37 8.59
N VAL A 94 -15.16 -0.46 7.60
CA VAL A 94 -14.20 -1.33 6.92
C VAL A 94 -14.26 -1.07 5.42
N TYR A 95 -13.11 -0.79 4.81
CA TYR A 95 -12.93 -0.79 3.34
C TYR A 95 -11.96 -1.90 2.93
N ILE A 96 -12.26 -2.56 1.81
CA ILE A 96 -11.39 -3.61 1.24
C ILE A 96 -11.25 -3.35 -0.27
N ASN A 97 -10.02 -3.06 -0.72
CA ASN A 97 -9.72 -2.96 -2.14
C ASN A 97 -9.35 -4.35 -2.67
N TYR A 98 -10.08 -4.82 -3.69
CA TYR A 98 -9.79 -6.10 -4.36
C TYR A 98 -9.00 -5.87 -5.64
N TYR A 99 -7.98 -6.71 -5.87
CA TYR A 99 -7.13 -6.62 -7.06
C TYR A 99 -6.98 -7.99 -7.71
N ASP A 100 -7.43 -8.09 -8.96
CA ASP A 100 -7.22 -9.27 -9.79
C ASP A 100 -5.90 -9.09 -10.55
N MET A 101 -4.85 -9.81 -10.14
CA MET A 101 -3.51 -9.58 -10.68
C MET A 101 -3.20 -10.51 -11.87
N ASN A 102 -2.53 -9.96 -12.88
CA ASN A 102 -2.01 -10.77 -13.98
C ASN A 102 -0.81 -11.58 -13.52
N ALA A 103 -0.75 -12.87 -13.93
CA ALA A 103 0.35 -13.73 -13.49
C ALA A 103 1.72 -13.16 -13.85
N ALA A 104 1.83 -12.48 -14.99
CA ALA A 104 3.10 -11.85 -15.39
C ALA A 104 3.49 -10.68 -14.51
N ASN A 105 2.57 -10.15 -13.70
CA ASN A 105 2.81 -9.00 -12.83
C ASN A 105 2.92 -9.38 -11.36
N VAL A 106 3.17 -10.66 -11.07
CA VAL A 106 3.40 -11.14 -9.70
C VAL A 106 4.75 -11.85 -9.70
N GLY A 107 5.75 -11.26 -9.03
CA GLY A 107 7.05 -11.91 -8.87
C GLY A 107 7.11 -12.81 -7.63
N TRP A 108 7.91 -13.88 -7.71
CA TRP A 108 8.05 -14.88 -6.66
C TRP A 108 9.22 -15.79 -6.99
N ASN A 109 10.11 -16.05 -6.03
CA ASN A 109 11.16 -17.06 -6.19
C ASN A 109 12.02 -16.82 -7.43
N ASN A 110 12.46 -15.56 -7.60
CA ASN A 110 13.36 -15.10 -8.67
C ASN A 110 12.69 -14.97 -10.04
N SER A 111 11.39 -15.20 -10.16
CA SER A 111 10.73 -15.11 -11.46
C SER A 111 9.31 -14.60 -11.24
N THR A 112 8.44 -14.81 -12.22
CA THR A 112 7.02 -14.51 -12.11
C THR A 112 6.22 -15.78 -12.38
N PHE A 113 4.92 -15.71 -12.07
CA PHE A 113 4.04 -16.85 -12.29
C PHE A 113 3.60 -17.01 -13.74
N ALA A 114 4.07 -16.17 -14.65
CA ALA A 114 3.75 -16.31 -16.08
C ALA A 114 4.55 -17.44 -16.74
N PRO B 1 -13.98 7.26 -0.93
CA PRO B 1 -12.57 7.33 -1.30
C PRO B 1 -11.63 7.02 -0.14
N MET B 2 -10.35 6.79 -0.48
CA MET B 2 -9.32 6.40 0.46
C MET B 2 -8.03 7.11 0.09
N PHE B 3 -7.43 7.86 1.04
CA PHE B 3 -6.18 8.58 0.80
C PHE B 3 -5.13 8.21 1.86
N ILE B 4 -3.92 7.86 1.41
CA ILE B 4 -2.83 7.40 2.27
C ILE B 4 -1.59 8.26 2.01
N VAL B 5 -0.91 8.68 3.08
CA VAL B 5 0.39 9.37 3.00
C VAL B 5 1.43 8.58 3.78
N ASN B 6 2.53 8.21 3.11
CA ASN B 6 3.71 7.65 3.75
C ASN B 6 4.87 8.66 3.65
N THR B 7 5.50 8.98 4.78
CA THR B 7 6.52 10.03 4.81
C THR B 7 7.56 9.76 5.90
N ASN B 8 8.79 10.27 5.68
CA ASN B 8 9.86 10.19 6.68
C ASN B 8 9.81 11.32 7.70
N VAL B 9 8.90 12.27 7.56
CA VAL B 9 8.71 13.34 8.54
C VAL B 9 8.33 12.72 9.89
N PRO B 10 8.81 13.27 11.03
CA PRO B 10 8.52 12.65 12.33
C PRO B 10 7.07 12.85 12.77
N ARG B 11 6.60 11.92 13.60
CA ARG B 11 5.22 11.97 14.10
C ARG B 11 4.91 13.31 14.76
N ALA B 12 5.90 13.89 15.46
CA ALA B 12 5.67 15.13 16.20
C ALA B 12 5.39 16.31 15.30
N SER B 13 5.74 16.22 14.02
CA SER B 13 5.51 17.31 13.08
C SER B 13 4.14 17.27 12.41
N VAL B 14 3.35 16.23 12.65
CA VAL B 14 2.01 16.12 12.07
C VAL B 14 1.04 16.93 12.91
N PRO B 15 0.40 17.97 12.35
CA PRO B 15 -0.48 18.82 13.17
C PRO B 15 -1.73 18.10 13.62
N ASP B 16 -2.18 18.47 14.82
N ASP B 16 -2.26 18.53 14.77
CA ASP B 16 -3.49 18.06 15.28
CA ASP B 16 -3.32 17.79 15.43
C ASP B 16 -4.55 18.70 14.39
C ASP B 16 -4.55 17.59 14.54
N GLY B 17 -5.50 17.89 13.93
N GLY B 17 -4.95 18.63 13.81
CA GLY B 17 -6.43 18.34 12.93
CA GLY B 17 -6.16 18.56 13.00
C GLY B 17 -6.02 18.04 11.51
C GLY B 17 -5.93 18.16 11.54
N PHE B 18 -4.83 17.46 11.29
CA PHE B 18 -4.42 17.15 9.92
C PHE B 18 -5.36 16.14 9.27
N LEU B 19 -5.76 15.11 10.02
CA LEU B 19 -6.68 14.13 9.43
C LEU B 19 -8.03 14.77 9.12
N SER B 20 -8.50 15.66 10.00
CA SER B 20 -9.74 16.39 9.77
C SER B 20 -9.65 17.27 8.52
N GLU B 21 -8.50 17.92 8.32
CA GLU B 21 -8.36 18.82 7.18
C GLU B 21 -8.36 18.04 5.87
N LEU B 22 -7.57 16.96 5.80
CA LEU B 22 -7.58 16.10 4.62
C LEU B 22 -8.99 15.64 4.26
N THR B 23 -9.77 15.27 5.27
CA THR B 23 -11.12 14.77 5.03
C THR B 23 -11.99 15.83 4.38
N GLN B 24 -11.95 17.07 4.91
CA GLN B 24 -12.81 18.13 4.41
C GLN B 24 -12.38 18.60 3.03
N GLN B 25 -11.07 18.75 2.81
CA GLN B 25 -10.58 19.19 1.51
C GLN B 25 -10.84 18.15 0.42
N LEU B 26 -10.72 16.86 0.77
CA LEU B 26 -10.98 15.81 -0.22
C LEU B 26 -12.45 15.69 -0.56
N ALA B 27 -13.33 15.92 0.42
CA ALA B 27 -14.77 15.95 0.14
C ALA B 27 -15.12 17.07 -0.82
N GLN B 28 -14.52 18.25 -0.62
CA GLN B 28 -14.82 19.37 -1.51
C GLN B 28 -14.19 19.19 -2.88
N ALA B 29 -13.04 18.51 -2.95
CA ALA B 29 -12.35 18.33 -4.23
C ALA B 29 -13.04 17.26 -5.08
N THR B 30 -13.49 16.17 -4.46
CA THR B 30 -14.10 15.06 -5.19
C THR B 30 -15.61 15.17 -5.29
N GLY B 31 -16.25 15.96 -4.43
CA GLY B 31 -17.70 15.98 -4.38
C GLY B 31 -18.33 14.77 -3.73
N LYS B 32 -17.53 13.83 -3.19
CA LYS B 32 -18.00 12.65 -2.47
C LYS B 32 -18.42 13.03 -1.04
N PRO B 33 -19.38 12.31 -0.46
CA PRO B 33 -19.83 12.64 0.90
C PRO B 33 -18.74 12.36 1.91
N PRO B 34 -18.49 13.29 2.84
CA PRO B 34 -17.37 13.10 3.78
C PRO B 34 -17.54 11.87 4.67
N GLN B 35 -18.78 11.38 4.84
CA GLN B 35 -19.02 10.17 5.62
C GLN B 35 -18.29 8.95 5.06
N TYR B 36 -17.97 8.96 3.75
CA TYR B 36 -17.35 7.82 3.10
C TYR B 36 -15.88 8.05 2.75
N ILE B 37 -15.25 9.09 3.30
CA ILE B 37 -13.85 9.41 3.03
C ILE B 37 -12.98 8.90 4.17
N ALA B 38 -11.97 8.08 3.83
CA ALA B 38 -11.00 7.54 4.78
C ALA B 38 -9.63 8.13 4.51
N VAL B 39 -8.90 8.46 5.59
CA VAL B 39 -7.58 9.11 5.51
C VAL B 39 -6.63 8.40 6.49
N HIS B 40 -5.34 8.38 6.13
CA HIS B 40 -4.36 7.52 6.79
C HIS B 40 -2.97 8.11 6.58
N VAL B 41 -2.28 8.48 7.68
CA VAL B 41 -0.97 9.13 7.63
C VAL B 41 0.04 8.27 8.38
N VAL B 42 1.16 7.96 7.73
CA VAL B 42 2.19 7.06 8.27
C VAL B 42 3.51 7.81 8.33
N PRO B 43 3.86 8.39 9.50
CA PRO B 43 5.13 9.13 9.63
C PRO B 43 6.31 8.24 10.00
N ASP B 44 7.48 8.87 10.15
CA ASP B 44 8.68 8.21 10.65
C ASP B 44 9.17 7.08 9.73
N GLN B 45 8.86 7.13 8.44
CA GLN B 45 9.22 6.05 7.52
C GLN B 45 10.66 6.16 7.02
N LEU B 46 11.27 5.00 6.73
CA LEU B 46 12.63 4.91 6.19
C LEU B 46 12.51 4.95 4.67
N MET B 47 12.79 6.12 4.08
CA MET B 47 12.56 6.33 2.65
C MET B 47 13.69 7.15 2.03
N ALA B 48 13.80 7.05 0.71
CA ALA B 48 14.69 7.89 -0.07
C ALA B 48 13.99 8.29 -1.36
N PHE B 49 14.30 9.49 -1.85
CA PHE B 49 13.73 10.04 -3.07
C PHE B 49 14.90 10.63 -3.84
N GLY B 50 15.14 10.10 -5.05
CA GLY B 50 16.31 10.56 -5.78
C GLY B 50 17.62 10.29 -5.07
N GLY B 51 17.65 9.29 -4.18
CA GLY B 51 18.84 8.99 -3.42
C GLY B 51 19.04 9.83 -2.18
N SER B 52 18.14 10.75 -1.87
CA SER B 52 18.27 11.66 -0.74
C SER B 52 17.25 11.32 0.34
N SER B 53 17.64 11.51 1.60
CA SER B 53 16.75 11.27 2.73
C SER B 53 16.14 12.55 3.29
N GLU B 54 16.16 13.65 2.52
CA GLU B 54 15.41 14.84 2.86
C GLU B 54 13.91 14.52 2.88
N PRO B 55 13.09 15.39 3.47
CA PRO B 55 11.65 15.09 3.57
C PRO B 55 11.05 14.75 2.21
N CYS B 56 10.25 13.68 2.19
CA CYS B 56 9.56 13.26 0.97
C CYS B 56 8.26 12.55 1.37
N ALA B 57 7.43 12.22 0.37
CA ALA B 57 6.18 11.50 0.60
C ALA B 57 5.81 10.64 -0.61
N LEU B 58 5.22 9.48 -0.33
CA LEU B 58 4.63 8.59 -1.32
C LEU B 58 3.17 8.38 -0.93
N CYS B 59 2.24 8.73 -1.83
CA CYS B 59 0.82 8.79 -1.50
C CYS B 59 -0.02 8.02 -2.52
N SER B 60 -1.28 7.76 -2.15
CA SER B 60 -2.23 7.15 -3.07
C SER B 60 -3.63 7.66 -2.79
N LEU B 61 -4.42 7.80 -3.86
CA LEU B 61 -5.85 8.11 -3.77
C LEU B 61 -6.64 7.09 -4.59
N HIS B 62 -7.53 6.34 -3.93
CA HIS B 62 -8.44 5.41 -4.58
C HIS B 62 -9.86 5.99 -4.56
N SER B 63 -10.59 5.83 -5.67
CA SER B 63 -11.96 6.37 -5.76
C SER B 63 -12.72 5.63 -6.85
N ILE B 64 -14.02 5.46 -6.64
CA ILE B 64 -14.93 4.98 -7.69
C ILE B 64 -15.37 6.20 -8.49
N GLY B 65 -14.78 6.37 -9.67
CA GLY B 65 -15.01 7.56 -10.47
C GLY B 65 -14.27 8.76 -9.90
N LYS B 66 -14.51 9.91 -10.54
CA LYS B 66 -13.87 11.18 -10.19
C LYS B 66 -12.35 11.14 -10.35
N ILE B 67 -11.84 10.28 -11.23
CA ILE B 67 -10.42 10.13 -11.51
C ILE B 67 -10.20 10.36 -13.01
N GLY B 68 -9.28 11.25 -13.36
CA GLY B 68 -9.05 11.53 -14.77
C GLY B 68 -8.00 12.59 -14.99
N GLY B 69 -7.74 12.85 -16.27
CA GLY B 69 -6.69 13.77 -16.69
C GLY B 69 -6.65 15.09 -15.96
N ALA B 70 -7.70 15.90 -16.14
CA ALA B 70 -7.73 17.22 -15.51
C ALA B 70 -7.94 17.11 -14.00
N GLN B 71 -8.82 16.20 -13.58
CA GLN B 71 -9.10 16.07 -12.15
C GLN B 71 -7.83 15.73 -11.37
N ASN B 72 -7.00 14.83 -11.92
CA ASN B 72 -5.78 14.43 -11.22
C ASN B 72 -4.77 15.57 -11.12
N ARG B 73 -4.71 16.48 -12.11
CA ARG B 73 -3.83 17.63 -12.00
C ARG B 73 -4.28 18.53 -10.85
N SER B 74 -5.60 18.73 -10.73
CA SER B 74 -6.14 19.55 -9.65
C SER B 74 -5.91 18.91 -8.28
N TYR B 75 -6.12 17.59 -8.16
CA TYR B 75 -5.81 16.91 -6.89
C TYR B 75 -4.34 17.08 -6.52
N SER B 76 -3.44 16.99 -7.51
CA SER B 76 -2.02 17.05 -7.20
C SER B 76 -1.62 18.43 -6.68
N LYS B 77 -2.15 19.51 -7.27
CA LYS B 77 -1.86 20.84 -6.75
C LYS B 77 -2.36 20.98 -5.33
N LEU B 78 -3.57 20.49 -5.05
CA LEU B 78 -4.16 20.62 -3.71
C LEU B 78 -3.35 19.83 -2.68
N LEU B 79 -2.98 18.60 -3.01
CA LEU B 79 -2.36 17.71 -2.02
C LEU B 79 -0.90 18.08 -1.77
N CYS B 80 -0.14 18.41 -2.82
CA CYS B 80 1.22 18.90 -2.60
C CYS B 80 1.19 20.19 -1.80
N GLY B 81 0.21 21.06 -2.06
CA GLY B 81 0.07 22.27 -1.28
C GLY B 81 -0.08 21.99 0.22
N LEU B 82 -0.99 21.07 0.57
CA LEU B 82 -1.18 20.71 1.97
C LEU B 82 0.07 20.06 2.57
N LEU B 83 0.74 19.18 1.81
CA LEU B 83 1.96 18.55 2.31
C LEU B 83 3.07 19.59 2.53
N ALA B 84 3.14 20.61 1.66
CA ALA B 84 4.15 21.65 1.86
C ALA B 84 3.82 22.52 3.07
N GLU B 85 2.55 22.92 3.19
CA GLU B 85 2.17 23.86 4.24
C GLU B 85 2.22 23.21 5.61
N ARG B 86 1.66 22.01 5.72
CA ARG B 86 1.50 21.31 7.00
C ARG B 86 2.73 20.49 7.39
N LEU B 87 3.38 19.81 6.44
CA LEU B 87 4.49 18.92 6.75
C LEU B 87 5.83 19.42 6.24
N ARG B 88 5.86 20.55 5.52
CA ARG B 88 7.10 21.15 5.02
C ARG B 88 7.85 20.24 4.05
N ILE B 89 7.11 19.47 3.25
CA ILE B 89 7.69 18.61 2.23
C ILE B 89 7.66 19.33 0.89
N SER B 90 8.81 19.40 0.23
N SER B 90 8.81 19.39 0.22
CA SER B 90 8.86 20.05 -1.08
CA SER B 90 8.88 20.04 -1.08
C SER B 90 8.01 19.29 -2.10
C SER B 90 8.02 19.29 -2.11
N PRO B 91 7.21 19.99 -2.91
CA PRO B 91 6.37 19.27 -3.89
C PRO B 91 7.14 18.43 -4.90
N ASP B 92 8.40 18.76 -5.21
CA ASP B 92 9.11 17.89 -6.14
C ASP B 92 9.65 16.64 -5.48
N ARG B 93 9.39 16.42 -4.19
CA ARG B 93 9.73 15.19 -3.51
C ARG B 93 8.48 14.44 -3.07
N VAL B 94 7.41 14.51 -3.88
CA VAL B 94 6.13 13.85 -3.60
C VAL B 94 5.65 13.13 -4.85
N TYR B 95 5.31 11.85 -4.72
CA TYR B 95 4.56 11.11 -5.73
C TYR B 95 3.17 10.79 -5.20
N ILE B 96 2.16 10.86 -6.07
CA ILE B 96 0.76 10.46 -5.75
C ILE B 96 0.24 9.56 -6.86
N ASN B 97 -0.02 8.28 -6.55
CA ASN B 97 -0.65 7.37 -7.49
C ASN B 97 -2.17 7.40 -7.34
N TYR B 98 -2.85 7.54 -8.47
CA TYR B 98 -4.30 7.64 -8.53
C TYR B 98 -4.89 6.35 -9.10
N TYR B 99 -5.99 5.87 -8.49
CA TYR B 99 -6.59 4.59 -8.87
C TYR B 99 -8.10 4.76 -9.04
N ASP B 100 -8.59 4.53 -10.25
CA ASP B 100 -10.03 4.53 -10.55
C ASP B 100 -10.54 3.10 -10.36
N MET B 101 -11.18 2.85 -9.22
CA MET B 101 -11.61 1.51 -8.81
C MET B 101 -13.00 1.18 -9.33
N ASN B 102 -13.17 -0.08 -9.76
CA ASN B 102 -14.49 -0.56 -10.14
C ASN B 102 -15.34 -0.79 -8.89
N ALA B 103 -16.61 -0.39 -8.96
CA ALA B 103 -17.51 -0.54 -7.81
C ALA B 103 -17.55 -1.97 -7.28
N ALA B 104 -17.42 -2.96 -8.17
CA ALA B 104 -17.41 -4.36 -7.73
C ALA B 104 -16.13 -4.74 -7.02
N ASN B 105 -15.06 -3.93 -7.12
CA ASN B 105 -13.78 -4.24 -6.50
C ASN B 105 -13.52 -3.41 -5.24
N VAL B 106 -14.57 -2.85 -4.62
CA VAL B 106 -14.46 -2.11 -3.37
C VAL B 106 -15.46 -2.69 -2.37
N GLY B 107 -14.96 -3.39 -1.35
CA GLY B 107 -15.81 -3.97 -0.32
C GLY B 107 -16.06 -3.00 0.84
N TRP B 108 -17.30 -3.05 1.35
CA TRP B 108 -17.75 -2.21 2.46
C TRP B 108 -18.94 -2.89 3.12
N ASN B 109 -18.93 -2.98 4.46
CA ASN B 109 -20.05 -3.47 5.25
C ASN B 109 -20.74 -4.68 4.61
N ASN B 110 -20.02 -5.79 4.53
CA ASN B 110 -20.56 -7.10 4.17
C ASN B 110 -21.05 -7.18 2.72
N SER B 111 -20.61 -6.26 1.86
CA SER B 111 -20.96 -6.32 0.44
C SER B 111 -19.92 -5.54 -0.36
N THR B 112 -20.26 -5.20 -1.60
CA THR B 112 -19.51 -4.21 -2.39
C THR B 112 -20.43 -3.07 -2.79
N PHE B 113 -19.86 -2.09 -3.50
CA PHE B 113 -20.61 -0.94 -3.97
C PHE B 113 -21.25 -1.17 -5.34
N ALA B 114 -21.09 -2.33 -5.94
CA ALA B 114 -21.71 -2.57 -7.24
C ALA B 114 -23.22 -2.71 -7.04
N PRO C 1 9.98 5.85 -10.98
CA PRO C 1 9.61 4.56 -10.39
C PRO C 1 9.66 4.52 -8.86
N MET C 2 8.88 3.62 -8.26
CA MET C 2 8.70 3.55 -6.81
C MET C 2 8.77 2.09 -6.38
N PHE C 3 9.66 1.76 -5.45
CA PHE C 3 9.82 0.40 -4.94
C PHE C 3 9.63 0.37 -3.42
N ILE C 4 8.70 -0.47 -2.96
CA ILE C 4 8.35 -0.59 -1.56
C ILE C 4 8.54 -2.04 -1.11
N VAL C 5 9.20 -2.25 0.04
CA VAL C 5 9.33 -3.59 0.63
C VAL C 5 8.87 -3.55 2.10
N ASN C 6 7.91 -4.41 2.44
CA ASN C 6 7.48 -4.63 3.81
C ASN C 6 7.97 -6.00 4.28
N THR C 7 8.58 -6.06 5.47
CA THR C 7 9.19 -7.31 5.90
C THR C 7 9.11 -7.44 7.43
N ASN C 8 9.19 -8.68 7.89
CA ASN C 8 9.22 -8.93 9.33
C ASN C 8 10.64 -8.96 9.89
N VAL C 9 11.64 -8.74 9.05
CA VAL C 9 13.04 -8.68 9.48
C VAL C 9 13.24 -7.45 10.36
N PRO C 10 14.03 -7.53 11.44
CA PRO C 10 14.19 -6.37 12.32
C PRO C 10 14.97 -5.24 11.67
N ARG C 11 14.68 -4.01 12.14
CA ARG C 11 15.32 -2.82 11.59
C ARG C 11 16.85 -2.90 11.66
N ALA C 12 17.38 -3.46 12.75
CA ALA C 12 18.83 -3.52 12.90
C ALA C 12 19.50 -4.46 11.91
N SER C 13 18.74 -5.28 11.19
CA SER C 13 19.29 -6.17 10.17
C SER C 13 19.34 -5.55 8.78
N VAL C 14 18.88 -4.31 8.61
CA VAL C 14 18.99 -3.59 7.34
C VAL C 14 20.37 -2.94 7.30
N PRO C 15 21.22 -3.29 6.34
CA PRO C 15 22.60 -2.75 6.36
C PRO C 15 22.64 -1.30 5.95
N ASP C 16 23.60 -0.57 6.51
CA ASP C 16 23.89 0.78 6.06
C ASP C 16 24.09 0.80 4.54
N GLY C 17 23.52 1.82 3.88
CA GLY C 17 23.57 1.92 2.44
C GLY C 17 22.50 1.15 1.67
N PHE C 18 21.66 0.36 2.34
CA PHE C 18 20.69 -0.47 1.60
C PHE C 18 19.80 0.35 0.67
N LEU C 19 19.30 1.50 1.12
CA LEU C 19 18.42 2.29 0.25
C LEU C 19 19.20 2.91 -0.91
N SER C 20 20.46 3.30 -0.69
CA SER C 20 21.29 3.77 -1.78
C SER C 20 21.50 2.67 -2.82
N GLU C 21 21.77 1.43 -2.39
CA GLU C 21 21.98 0.34 -3.34
C GLU C 21 20.74 0.08 -4.17
N LEU C 22 19.56 0.04 -3.54
CA LEU C 22 18.32 -0.14 -4.29
C LEU C 22 18.15 0.97 -5.32
N THR C 23 18.42 2.22 -4.93
CA THR C 23 18.24 3.34 -5.86
C THR C 23 19.11 3.17 -7.10
N GLN C 24 20.37 2.78 -6.89
CA GLN C 24 21.32 2.66 -7.99
C GLN C 24 20.99 1.48 -8.89
N GLN C 25 20.64 0.33 -8.29
CA GLN C 25 20.33 -0.87 -9.08
C GLN C 25 19.03 -0.70 -9.85
N LEU C 26 18.01 -0.09 -9.25
CA LEU C 26 16.75 0.12 -9.96
C LEU C 26 16.88 1.19 -11.05
N ALA C 27 17.72 2.21 -10.83
CA ALA C 27 17.98 3.16 -11.89
C ALA C 27 18.57 2.46 -13.11
N GLN C 28 19.52 1.55 -12.87
CA GLN C 28 20.13 0.82 -13.99
C GLN C 28 19.13 -0.14 -14.62
N ALA C 29 18.31 -0.81 -13.81
CA ALA C 29 17.41 -1.82 -14.35
C ALA C 29 16.26 -1.20 -15.14
N THR C 30 15.68 -0.10 -14.67
CA THR C 30 14.56 0.54 -15.37
C THR C 30 14.98 1.51 -16.46
N GLY C 31 16.25 1.92 -16.49
CA GLY C 31 16.68 2.93 -17.43
C GLY C 31 16.33 4.35 -17.06
N LYS C 32 15.66 4.58 -15.96
CA LYS C 32 15.31 5.93 -15.55
C LYS C 32 16.44 6.54 -14.71
N PRO C 33 16.62 7.86 -14.76
CA PRO C 33 17.66 8.48 -13.96
C PRO C 33 17.36 8.35 -12.48
N PRO C 34 18.40 8.26 -11.63
CA PRO C 34 18.16 8.03 -10.20
C PRO C 34 17.41 9.15 -9.51
N GLN C 35 17.42 10.37 -10.07
CA GLN C 35 16.65 11.47 -9.47
C GLN C 35 15.18 11.08 -9.32
N TYR C 36 14.67 10.21 -10.18
CA TYR C 36 13.24 9.91 -10.17
C TYR C 36 12.91 8.58 -9.49
N ILE C 37 13.90 7.90 -8.91
CA ILE C 37 13.70 6.63 -8.18
C ILE C 37 13.37 6.95 -6.71
N ALA C 38 12.27 6.39 -6.21
CA ALA C 38 11.94 6.45 -4.79
C ALA C 38 11.93 5.04 -4.18
N VAL C 39 12.45 4.91 -2.96
CA VAL C 39 12.53 3.62 -2.28
C VAL C 39 12.02 3.75 -0.84
N HIS C 40 11.40 2.68 -0.33
CA HIS C 40 10.68 2.70 0.94
C HIS C 40 10.80 1.32 1.59
N VAL C 41 11.41 1.25 2.78
CA VAL C 41 11.68 -0.03 3.45
C VAL C 41 10.99 0.00 4.82
N VAL C 42 10.16 -1.01 5.08
CA VAL C 42 9.35 -1.07 6.29
C VAL C 42 9.66 -2.38 7.04
N PRO C 43 10.57 -2.33 8.03
CA PRO C 43 10.90 -3.55 8.79
C PRO C 43 10.00 -3.78 9.99
N ASP C 44 10.26 -4.88 10.73
CA ASP C 44 9.60 -5.20 12.00
C ASP C 44 8.09 -5.41 11.86
N GLN C 45 7.64 -5.83 10.69
CA GLN C 45 6.20 -5.96 10.45
C GLN C 45 5.64 -7.28 11.00
N LEU C 46 4.36 -7.25 11.35
CA LEU C 46 3.64 -8.45 11.77
C LEU C 46 3.07 -9.12 10.52
N MET C 47 3.71 -10.20 10.06
CA MET C 47 3.23 -10.86 8.85
C MET C 47 3.55 -12.35 8.90
N ALA C 48 2.90 -13.08 7.99
CA ALA C 48 3.13 -14.51 7.83
C ALA C 48 3.08 -14.85 6.35
N PHE C 49 3.81 -15.88 5.96
CA PHE C 49 3.84 -16.37 4.58
C PHE C 49 3.61 -17.87 4.66
N GLY C 50 2.49 -18.35 4.13
CA GLY C 50 2.15 -19.76 4.24
C GLY C 50 1.86 -20.23 5.65
N GLY C 51 1.42 -19.34 6.53
CA GLY C 51 1.17 -19.70 7.90
C GLY C 51 2.39 -19.76 8.78
N SER C 52 3.58 -19.49 8.24
CA SER C 52 4.84 -19.48 8.96
C SER C 52 5.31 -18.04 9.18
N SER C 53 5.93 -17.80 10.33
CA SER C 53 6.45 -16.48 10.66
C SER C 53 7.95 -16.34 10.39
N GLU C 54 8.54 -17.27 9.62
CA GLU C 54 9.94 -17.12 9.19
C GLU C 54 10.10 -15.88 8.31
N PRO C 55 11.34 -15.39 8.12
CA PRO C 55 11.51 -14.12 7.38
C PRO C 55 10.85 -14.16 6.00
N CYS C 56 10.21 -13.04 5.64
CA CYS C 56 9.49 -12.93 4.37
C CYS C 56 9.38 -11.46 3.99
N ALA C 57 8.85 -11.20 2.80
CA ALA C 57 8.69 -9.83 2.31
C ALA C 57 7.53 -9.74 1.33
N LEU C 58 6.79 -8.62 1.38
CA LEU C 58 5.73 -8.27 0.45
C LEU C 58 6.09 -6.93 -0.16
N CYS C 59 6.18 -6.87 -1.50
CA CYS C 59 6.79 -5.74 -2.21
C CYS C 59 5.91 -5.29 -3.39
N SER C 60 6.17 -4.07 -3.84
CA SER C 60 5.56 -3.56 -5.07
C SER C 60 6.55 -2.68 -5.82
N LEU C 61 6.49 -2.73 -7.15
CA LEU C 61 7.23 -1.83 -8.04
C LEU C 61 6.23 -1.16 -8.97
N HIS C 62 6.17 0.17 -8.91
CA HIS C 62 5.33 1.00 -9.80
C HIS C 62 6.24 1.72 -10.79
N SER C 63 5.86 1.71 -12.07
CA SER C 63 6.63 2.43 -13.08
C SER C 63 5.72 2.87 -14.21
N ILE C 64 5.97 4.06 -14.74
CA ILE C 64 5.32 4.52 -15.97
C ILE C 64 6.06 3.84 -17.13
N GLY C 65 5.51 2.73 -17.63
CA GLY C 65 6.21 1.93 -18.64
C GLY C 65 7.32 1.09 -18.03
N LYS C 66 8.05 0.39 -18.91
CA LYS C 66 9.14 -0.52 -18.52
C LYS C 66 8.63 -1.68 -17.64
N ILE C 67 7.38 -2.09 -17.87
CA ILE C 67 6.73 -3.19 -17.15
C ILE C 67 6.24 -4.18 -18.18
N GLY C 68 6.62 -5.44 -18.04
CA GLY C 68 6.21 -6.43 -19.03
C GLY C 68 6.73 -7.81 -18.68
N GLY C 69 6.43 -8.75 -19.57
CA GLY C 69 6.69 -10.15 -19.32
C GLY C 69 8.13 -10.46 -18.98
N ALA C 70 9.05 -10.19 -19.91
CA ALA C 70 10.45 -10.50 -19.67
C ALA C 70 11.08 -9.53 -18.69
N GLN C 71 10.68 -8.26 -18.75
CA GLN C 71 11.21 -7.26 -17.83
C GLN C 71 10.90 -7.63 -16.38
N ASN C 72 9.68 -8.09 -16.11
CA ASN C 72 9.29 -8.40 -14.73
C ASN C 72 10.00 -9.64 -14.19
N ARG C 73 10.31 -10.62 -15.05
CA ARG C 73 11.16 -11.72 -14.61
C ARG C 73 12.55 -11.23 -14.24
N SER C 74 13.10 -10.28 -15.00
CA SER C 74 14.43 -9.75 -14.72
C SER C 74 14.46 -8.92 -13.43
N TYR C 75 13.42 -8.09 -13.19
CA TYR C 75 13.30 -7.39 -11.92
C TYR C 75 13.22 -8.35 -10.74
N SER C 76 12.47 -9.44 -10.90
CA SER C 76 12.28 -10.40 -9.80
C SER C 76 13.60 -11.10 -9.43
N LYS C 77 14.41 -11.45 -10.43
CA LYS C 77 15.71 -12.03 -10.15
C LYS C 77 16.62 -11.05 -9.42
N LEU C 78 16.65 -9.79 -9.89
CA LEU C 78 17.47 -8.76 -9.26
C LEU C 78 17.03 -8.50 -7.82
N LEU C 79 15.71 -8.33 -7.61
CA LEU C 79 15.23 -7.89 -6.31
C LEU C 79 15.21 -9.01 -5.28
N CYS C 80 14.77 -10.22 -5.67
CA CYS C 80 14.93 -11.36 -4.78
C CYS C 80 16.41 -11.58 -4.41
N GLY C 81 17.31 -11.39 -5.38
CA GLY C 81 18.73 -11.54 -5.09
C GLY C 81 19.23 -10.59 -4.02
N LEU C 82 18.85 -9.31 -4.12
CA LEU C 82 19.18 -8.33 -3.09
C LEU C 82 18.59 -8.67 -1.73
N LEU C 83 17.30 -9.06 -1.69
CA LEU C 83 16.66 -9.39 -0.41
C LEU C 83 17.31 -10.62 0.23
N ALA C 84 17.74 -11.59 -0.58
CA ALA C 84 18.40 -12.76 -0.02
C ALA C 84 19.79 -12.41 0.52
N GLU C 85 20.57 -11.64 -0.23
CA GLU C 85 21.95 -11.36 0.16
C GLU C 85 22.01 -10.37 1.31
N ARG C 86 21.23 -9.30 1.25
CA ARG C 86 21.31 -8.22 2.22
C ARG C 86 20.42 -8.45 3.45
N LEU C 87 19.21 -8.99 3.27
CA LEU C 87 18.27 -9.18 4.37
C LEU C 87 18.11 -10.62 4.81
N ARG C 88 18.71 -11.58 4.09
CA ARG C 88 18.67 -13.00 4.44
C ARG C 88 17.25 -13.57 4.35
N ILE C 89 16.49 -13.11 3.37
CA ILE C 89 15.13 -13.59 3.12
C ILE C 89 15.19 -14.58 1.95
N SER C 90 14.59 -15.75 2.14
CA SER C 90 14.57 -16.76 1.07
C SER C 90 13.69 -16.28 -0.09
N PRO C 91 14.14 -16.47 -1.34
CA PRO C 91 13.34 -15.97 -2.48
C PRO C 91 11.95 -16.57 -2.59
N ASP C 92 11.75 -17.81 -2.14
CA ASP C 92 10.42 -18.40 -2.18
C ASP C 92 9.51 -17.92 -1.04
N ARG C 93 9.95 -16.92 -0.28
CA ARG C 93 9.09 -16.26 0.69
C ARG C 93 8.93 -14.77 0.37
N VAL C 94 8.96 -14.42 -0.93
CA VAL C 94 8.82 -13.06 -1.42
C VAL C 94 7.73 -13.00 -2.48
N TYR C 95 6.80 -12.06 -2.34
CA TYR C 95 5.90 -11.63 -3.41
C TYR C 95 6.21 -10.19 -3.81
N ILE C 96 6.23 -9.92 -5.13
CA ILE C 96 6.39 -8.57 -5.68
C ILE C 96 5.23 -8.31 -6.65
N ASN C 97 4.43 -7.27 -6.39
CA ASN C 97 3.38 -6.87 -7.33
C ASN C 97 3.92 -5.76 -8.25
N TYR C 98 3.70 -5.91 -9.56
CA TYR C 98 4.15 -4.95 -10.56
C TYR C 98 2.96 -4.14 -11.09
N TYR C 99 3.15 -2.82 -11.19
CA TYR C 99 2.11 -1.91 -11.69
C TYR C 99 2.68 -1.04 -12.79
N ASP C 100 2.08 -1.14 -13.99
CA ASP C 100 2.37 -0.26 -15.12
C ASP C 100 1.42 0.93 -15.02
N MET C 101 1.95 2.07 -14.58
CA MET C 101 1.11 3.24 -14.29
C MET C 101 0.94 4.11 -15.53
N ASN C 102 -0.26 4.62 -15.72
CA ASN C 102 -0.47 5.61 -16.77
C ASN C 102 0.02 6.97 -16.30
N ALA C 103 0.71 7.70 -17.19
CA ALA C 103 1.30 8.98 -16.81
C ALA C 103 0.26 9.95 -16.26
N ALA C 104 -0.98 9.90 -16.77
CA ALA C 104 -2.01 10.78 -16.27
C ALA C 104 -2.42 10.46 -14.83
N ASN C 105 -2.02 9.30 -14.31
CA ASN C 105 -2.42 8.86 -12.97
C ASN C 105 -1.26 8.91 -11.98
N VAL C 106 -0.22 9.71 -12.24
CA VAL C 106 0.92 9.88 -11.34
C VAL C 106 1.11 11.38 -11.09
N GLY C 107 0.86 11.82 -9.86
CA GLY C 107 1.10 13.20 -9.48
C GLY C 107 2.51 13.40 -8.93
N TRP C 108 3.06 14.58 -9.23
CA TRP C 108 4.42 15.02 -8.86
C TRP C 108 4.53 16.54 -9.06
N ASN C 109 5.13 17.24 -8.09
CA ASN C 109 5.48 18.67 -8.24
C ASN C 109 4.28 19.52 -8.68
N ASN C 110 3.14 19.29 -8.03
CA ASN C 110 1.89 20.06 -8.16
C ASN C 110 1.09 19.76 -9.42
N SER C 111 1.42 18.72 -10.18
CA SER C 111 0.72 18.42 -11.42
C SER C 111 0.85 16.92 -11.69
N THR C 112 0.57 16.50 -12.92
CA THR C 112 0.82 15.12 -13.34
C THR C 112 1.73 15.09 -14.57
N PHE C 113 2.40 13.95 -14.74
CA PHE C 113 3.38 13.68 -15.80
C PHE C 113 2.79 13.66 -17.20
N ALA C 114 1.51 13.95 -17.39
CA ALA C 114 0.99 13.96 -18.76
C ALA C 114 0.28 15.28 -19.05
#